data_8XAR
#
_entry.id   8XAR
#
_cell.length_a   68.180
_cell.length_b   94.160
_cell.length_c   117.120
_cell.angle_alpha   90.00
_cell.angle_beta   90.00
_cell.angle_gamma   90.00
#
_symmetry.space_group_name_H-M   'I 2 2 2'
#
loop_
_entity.id
_entity.type
_entity.pdbx_description
1 polymer 'S-adenosylmethionine synthase isoform type-2'
2 non-polymer 7-chloranyl-2-ethyl-5-pyridin-3-yl-pyrazolo[3,4-c]quinolin-4-one
3 non-polymer GLYCEROL
4 non-polymer S-ADENOSYLMETHIONINE
5 non-polymer 1,2-ETHANEDIOL
6 non-polymer 'CHLORIDE ION'
7 water water
#
_entity_poly.entity_id   1
_entity_poly.type   'polypeptide(L)'
_entity_poly.pdbx_seq_one_letter_code
;MHHHHHHENLYFQSMNGQLNGFHEAFIEEGTFLFTSESVGEGHPDKICDQISDAVLDAHLQQDPDAKVACETVAKTGMIL
LAGEITSRAAVDYQKVVREAVKHIGYDDSSKGFDYKTCNVLVALEQQSPDIAQGVHLDRNEEDIGAGDQGLMFGYATDET
EECMPLTIVLAHKLNAKLAELRRNGTLPWLRPDSKTQVTVQYMQDRGAVLPIRVHTIVISVQHDEEVCLDEMRDALKEKV
IKAVVPAKYLDEDTIYHLQPSGRFVIGGPQGDAGLTGRKIIVDTYGGWGAHGGGAFSGKDYTKVDRSAAYAARWVAKSLV
KGGLCRRVLVQVSYAIGVSHPLSISIFHYGTSQKSERELLEIVKKNFDLRPGVIVRDLDLKKPIYQRTAAYGHFGRDSFP
WEVPKKLKY
;
_entity_poly.pdbx_strand_id   A
#
loop_
_chem_comp.id
_chem_comp.type
_chem_comp.name
_chem_comp.formula
CL non-polymer 'CHLORIDE ION' 'Cl -1'
EDO non-polymer 1,2-ETHANEDIOL 'C2 H6 O2'
GOL non-polymer GLYCEROL 'C3 H8 O3'
SAM non-polymer S-ADENOSYLMETHIONINE 'C15 H22 N6 O5 S'
YMW non-polymer 7-chloranyl-2-ethyl-5-pyridin-3-yl-pyrazolo[3,4-c]quinolin-4-one 'C17 H13 Cl N4 O'
#
# COMPACT_ATOMS: atom_id res chain seq x y z
N GLY A 30 -6.23 11.82 -28.22
CA GLY A 30 -6.25 10.63 -27.34
C GLY A 30 -5.21 10.63 -26.21
N THR A 31 -4.14 11.45 -26.31
N THR A 31 -4.20 11.52 -26.29
CA THR A 31 -3.15 11.39 -25.24
CA THR A 31 -3.10 11.58 -25.33
C THR A 31 -3.66 12.18 -24.05
C THR A 31 -3.52 12.31 -24.06
N PHE A 32 -3.18 11.75 -22.88
CA PHE A 32 -3.48 12.41 -21.62
C PHE A 32 -2.33 12.14 -20.65
N LEU A 33 -2.25 12.95 -19.59
CA LEU A 33 -1.29 12.77 -18.53
C LEU A 33 -1.97 12.16 -17.32
N PHE A 34 -1.20 11.40 -16.53
CA PHE A 34 -1.66 11.00 -15.22
C PHE A 34 -0.46 10.93 -14.29
N THR A 35 -0.67 11.34 -13.03
CA THR A 35 0.37 11.42 -12.04
C THR A 35 0.08 10.54 -10.83
N SER A 36 1.11 9.84 -10.34
CA SER A 36 1.03 9.11 -9.07
C SER A 36 2.28 9.39 -8.25
N GLU A 37 2.18 9.25 -6.92
CA GLU A 37 3.34 9.40 -6.05
C GLU A 37 3.59 8.13 -5.23
N SER A 38 4.79 8.07 -4.66
CA SER A 38 5.13 7.08 -3.66
C SER A 38 6.04 7.71 -2.62
N VAL A 39 6.24 7.05 -1.48
CA VAL A 39 7.14 7.52 -0.46
C VAL A 39 8.04 6.40 0.01
N GLY A 40 9.15 6.79 0.63
CA GLY A 40 10.11 5.83 1.11
C GLY A 40 9.77 5.26 2.48
N GLU A 41 10.59 4.28 2.87
CA GLU A 41 10.39 3.59 4.14
C GLU A 41 10.52 4.52 5.34
N GLY A 42 11.31 5.59 5.21
CA GLY A 42 11.50 6.54 6.30
C GLY A 42 10.63 7.80 6.22
N HIS A 43 9.70 7.84 5.26
CA HIS A 43 8.69 8.88 5.27
C HIS A 43 7.89 8.73 6.57
N PRO A 44 7.59 9.80 7.33
N PRO A 44 7.66 9.81 7.36
CA PRO A 44 7.05 9.62 8.67
CA PRO A 44 7.01 9.67 8.67
C PRO A 44 5.68 8.94 8.74
C PRO A 44 5.71 8.89 8.71
N ASP A 45 4.83 9.12 7.73
CA ASP A 45 3.58 8.37 7.67
C ASP A 45 3.85 6.88 7.47
N LYS A 46 4.78 6.59 6.56
CA LYS A 46 5.10 5.20 6.29
C LYS A 46 5.82 4.55 7.47
N ILE A 47 6.61 5.28 8.25
CA ILE A 47 7.17 4.74 9.48
C ILE A 47 6.03 4.21 10.34
N CYS A 48 4.97 5.01 10.48
CA CYS A 48 3.83 4.65 11.30
C CYS A 48 3.14 3.40 10.75
N ASP A 49 2.90 3.32 9.45
CA ASP A 49 2.30 2.12 8.88
C ASP A 49 3.13 0.87 9.17
N GLN A 50 4.45 0.98 9.03
CA GLN A 50 5.32 -0.16 9.26
C GLN A 50 5.34 -0.55 10.73
N ILE A 51 5.34 0.39 11.66
CA ILE A 51 5.30 0.07 13.09
C ILE A 51 3.97 -0.57 13.43
N SER A 52 2.86 -0.04 12.93
CA SER A 52 1.55 -0.60 13.19
C SER A 52 1.51 -2.05 12.74
N ASP A 53 2.08 -2.35 11.56
CA ASP A 53 2.06 -3.71 11.06
C ASP A 53 3.12 -4.58 11.74
N ALA A 54 4.21 -4.03 12.25
CA ALA A 54 5.14 -4.79 13.07
C ALA A 54 4.45 -5.23 14.35
N VAL A 55 3.62 -4.38 14.94
CA VAL A 55 2.86 -4.71 16.13
C VAL A 55 1.84 -5.81 15.82
N LEU A 56 1.12 -5.66 14.70
CA LEU A 56 0.16 -6.67 14.27
C LEU A 56 0.85 -8.03 14.12
N ASP A 57 1.96 -8.06 13.38
CA ASP A 57 2.68 -9.29 13.16
C ASP A 57 3.16 -9.90 14.47
N ALA A 58 3.65 -9.09 15.41
CA ALA A 58 4.12 -9.61 16.69
C ALA A 58 3.00 -10.30 17.42
N HIS A 59 1.80 -9.73 17.38
CA HIS A 59 0.64 -10.37 18.01
C HIS A 59 0.28 -11.65 17.27
N LEU A 60 0.19 -11.62 15.95
CA LEU A 60 -0.24 -12.80 15.19
C LEU A 60 0.74 -13.97 15.33
N GLN A 61 2.04 -13.69 15.53
N GLN A 61 2.02 -13.69 15.60
CA GLN A 61 3.03 -14.75 15.73
CA GLN A 61 3.01 -14.76 15.73
C GLN A 61 2.59 -15.64 16.90
C GLN A 61 2.79 -15.59 16.99
N GLN A 62 2.06 -15.03 17.97
CA GLN A 62 1.70 -15.75 19.17
C GLN A 62 0.21 -16.11 19.25
N ASP A 63 -0.65 -15.29 18.66
CA ASP A 63 -2.10 -15.45 18.74
C ASP A 63 -2.69 -15.16 17.37
N PRO A 64 -2.90 -16.19 16.52
CA PRO A 64 -3.42 -15.97 15.18
C PRO A 64 -4.77 -15.28 15.14
N ASP A 65 -5.49 -15.28 16.27
CA ASP A 65 -6.80 -14.67 16.35
C ASP A 65 -6.79 -13.33 17.09
N ALA A 66 -5.61 -12.73 17.26
CA ALA A 66 -5.54 -11.41 17.88
C ALA A 66 -6.46 -10.42 17.16
N LYS A 67 -7.13 -9.57 17.96
CA LYS A 67 -7.90 -8.44 17.46
C LYS A 67 -7.05 -7.19 17.66
N VAL A 68 -6.63 -6.59 16.54
CA VAL A 68 -5.64 -5.54 16.55
C VAL A 68 -6.16 -4.36 15.74
N ALA A 69 -6.07 -3.16 16.36
CA ALA A 69 -6.37 -1.88 15.74
C ALA A 69 -5.36 -0.87 16.27
N CYS A 70 -4.13 -0.97 15.76
CA CYS A 70 -2.99 -0.24 16.31
C CYS A 70 -2.64 0.95 15.42
N GLU A 71 -2.86 2.15 15.92
CA GLU A 71 -2.45 3.38 15.27
C GLU A 71 -1.11 3.80 15.85
N THR A 72 -0.26 4.34 14.99
CA THR A 72 1.02 4.90 15.38
C THR A 72 1.06 6.38 14.99
N VAL A 73 1.68 7.17 15.86
CA VAL A 73 1.91 8.59 15.65
C VAL A 73 3.39 8.82 15.85
N ALA A 74 3.99 9.62 14.96
CA ALA A 74 5.41 9.92 15.06
C ALA A 74 5.65 11.42 14.96
N LYS A 75 6.44 11.95 15.88
CA LYS A 75 6.90 13.33 15.78
C LYS A 75 8.31 13.31 16.39
N THR A 76 9.00 14.44 16.39
CA THR A 76 10.36 14.50 16.90
C THR A 76 10.49 13.69 18.18
N GLY A 77 11.39 12.70 18.13
CA GLY A 77 11.73 11.91 19.30
C GLY A 77 10.64 10.99 19.85
N MET A 78 9.51 10.83 19.16
CA MET A 78 8.37 10.14 19.75
C MET A 78 7.70 9.18 18.77
N ILE A 79 7.50 7.94 19.24
CA ILE A 79 6.53 7.02 18.68
C ILE A 79 5.46 6.78 19.75
N LEU A 80 4.21 7.06 19.40
CA LEU A 80 3.07 6.78 20.25
C LEU A 80 2.21 5.71 19.59
N LEU A 81 1.91 4.65 20.33
CA LEU A 81 0.92 3.65 19.91
C LEU A 81 -0.42 3.95 20.58
N ALA A 82 -1.48 4.02 19.78
CA ALA A 82 -2.80 4.29 20.32
C ALA A 82 -3.81 3.39 19.61
N GLY A 83 -4.74 2.83 20.35
CA GLY A 83 -5.71 1.96 19.74
C GLY A 83 -6.11 0.83 20.67
N GLU A 84 -6.55 -0.25 20.04
CA GLU A 84 -7.26 -1.32 20.73
C GLU A 84 -6.74 -2.69 20.29
N ILE A 85 -6.29 -3.47 21.27
CA ILE A 85 -5.78 -4.80 21.02
C ILE A 85 -6.32 -5.73 22.10
N THR A 86 -6.93 -6.83 21.65
CA THR A 86 -7.27 -7.94 22.53
C THR A 86 -6.61 -9.20 21.99
N SER A 87 -5.70 -9.75 22.78
CA SER A 87 -4.77 -10.77 22.31
C SER A 87 -4.23 -11.57 23.47
N ARG A 88 -3.93 -12.84 23.21
CA ARG A 88 -3.27 -13.70 24.17
C ARG A 88 -1.76 -13.55 24.12
N ALA A 89 -1.24 -12.80 23.14
CA ALA A 89 0.20 -12.61 23.00
C ALA A 89 0.76 -11.76 24.15
N ALA A 90 2.04 -11.98 24.44
CA ALA A 90 2.81 -11.10 25.29
C ALA A 90 3.84 -10.39 24.41
N VAL A 91 3.58 -9.12 24.12
CA VAL A 91 4.36 -8.36 23.16
C VAL A 91 5.14 -7.27 23.90
N ASP A 92 6.43 -7.18 23.59
CA ASP A 92 7.29 -6.14 24.11
C ASP A 92 7.28 -4.97 23.13
N TYR A 93 6.42 -3.97 23.38
CA TYR A 93 6.23 -2.87 22.45
C TYR A 93 7.51 -2.05 22.26
N GLN A 94 8.30 -1.88 23.34
CA GLN A 94 9.56 -1.15 23.21
C GLN A 94 10.44 -1.81 22.15
N LYS A 95 10.59 -3.14 22.25
CA LYS A 95 11.43 -3.86 21.32
C LYS A 95 10.88 -3.83 19.89
N VAL A 96 9.57 -4.08 19.74
CA VAL A 96 8.99 -4.16 18.42
C VAL A 96 9.14 -2.82 17.71
N VAL A 97 8.79 -1.73 18.39
CA VAL A 97 8.86 -0.42 17.80
C VAL A 97 10.30 -0.10 17.42
N ARG A 98 11.22 -0.29 18.36
CA ARG A 98 12.60 0.13 18.13
C ARG A 98 13.25 -0.68 17.01
N GLU A 99 12.95 -1.99 16.94
CA GLU A 99 13.51 -2.80 15.87
C GLU A 99 12.98 -2.34 14.51
N ALA A 100 11.73 -1.92 14.46
CA ALA A 100 11.17 -1.46 13.20
C ALA A 100 11.86 -0.18 12.72
N VAL A 101 12.13 0.73 13.66
CA VAL A 101 12.77 2.00 13.33
C VAL A 101 14.23 1.74 12.93
N LYS A 102 14.90 0.81 13.62
CA LYS A 102 16.25 0.40 13.24
C LYS A 102 16.29 -0.08 11.79
N HIS A 103 15.35 -0.96 11.43
CA HIS A 103 15.31 -1.53 10.09
C HIS A 103 15.17 -0.43 9.03
N ILE A 104 14.34 0.56 9.32
CA ILE A 104 14.10 1.68 8.42
C ILE A 104 15.38 2.48 8.19
N GLY A 105 16.19 2.61 9.24
CA GLY A 105 17.50 3.24 9.14
C GLY A 105 17.70 4.48 10.01
N TYR A 106 16.76 4.76 10.92
CA TYR A 106 16.89 5.91 11.81
C TYR A 106 17.64 5.47 13.07
N ASP A 107 18.95 5.62 13.05
CA ASP A 107 19.84 5.06 14.06
C ASP A 107 20.83 6.07 14.63
N ASP A 108 20.55 7.37 14.51
CA ASP A 108 21.47 8.36 15.05
C ASP A 108 20.84 9.74 15.09
N SER A 109 21.18 10.52 16.12
CA SER A 109 20.65 11.87 16.25
C SER A 109 21.03 12.71 15.03
N SER A 110 22.13 12.41 14.33
CA SER A 110 22.53 13.16 13.16
C SER A 110 21.53 13.05 12.01
N LYS A 111 20.73 11.98 12.02
CA LYS A 111 19.74 11.72 10.98
C LYS A 111 18.36 12.26 11.36
N GLY A 112 18.23 12.74 12.60
CA GLY A 112 17.01 13.35 13.08
C GLY A 112 16.14 12.44 13.93
N PHE A 113 16.51 11.16 14.05
CA PHE A 113 15.71 10.18 14.76
C PHE A 113 16.59 8.97 15.02
N ASP A 114 16.44 8.38 16.22
CA ASP A 114 17.26 7.25 16.62
C ASP A 114 16.43 6.25 17.41
N TYR A 115 16.34 5.04 16.89
CA TYR A 115 15.60 3.97 17.56
C TYR A 115 16.12 3.70 18.97
N LYS A 116 17.42 3.95 19.23
CA LYS A 116 17.98 3.61 20.52
C LYS A 116 17.49 4.54 21.61
N THR A 117 17.16 5.80 21.26
CA THR A 117 17.02 6.85 22.26
C THR A 117 15.69 7.59 22.15
N CYS A 118 14.83 7.25 21.20
CA CYS A 118 13.53 7.90 21.09
C CYS A 118 12.62 7.46 22.24
N ASN A 119 11.56 8.24 22.43
CA ASN A 119 10.47 7.95 23.36
C ASN A 119 9.47 7.01 22.68
N VAL A 120 9.12 5.92 23.35
CA VAL A 120 8.02 5.05 22.93
C VAL A 120 6.94 5.09 24.01
N LEU A 121 5.77 5.63 23.66
CA LEU A 121 4.63 5.83 24.54
C LEU A 121 3.53 4.89 24.08
N VAL A 122 2.81 4.26 25.02
CA VAL A 122 1.76 3.33 24.69
C VAL A 122 0.44 3.73 25.34
N ALA A 123 -0.60 3.87 24.51
CA ALA A 123 -1.97 4.17 24.94
C ALA A 123 -2.89 3.12 24.30
N LEU A 124 -2.71 1.87 24.69
CA LEU A 124 -3.42 0.75 24.11
C LEU A 124 -4.37 0.19 25.15
N GLU A 125 -5.60 -0.11 24.73
N GLU A 125 -5.61 0.01 24.69
CA GLU A 125 -6.60 -0.74 25.59
CA GLU A 125 -6.65 -0.59 25.49
C GLU A 125 -7.20 -1.95 24.87
C GLU A 125 -7.07 -1.88 24.82
N GLN A 126 -8.03 -2.74 25.58
N GLN A 126 -7.98 -2.60 25.48
CA GLN A 126 -8.73 -3.85 24.94
CA GLN A 126 -8.68 -3.74 24.92
C GLN A 126 -9.68 -3.33 23.87
C GLN A 126 -9.60 -3.27 23.79
N GLN A 127 -9.97 -4.17 22.88
CA GLN A 127 -11.07 -3.91 21.97
C GLN A 127 -12.35 -3.68 22.78
N SER A 128 -13.14 -2.70 22.35
CA SER A 128 -14.44 -2.45 22.93
C SER A 128 -15.23 -3.74 23.04
N PRO A 129 -15.71 -4.12 24.24
N PRO A 129 -15.79 -4.09 24.21
CA PRO A 129 -16.63 -5.25 24.37
CA PRO A 129 -16.60 -5.30 24.30
C PRO A 129 -17.87 -5.16 23.50
C PRO A 129 -17.90 -5.17 23.52
N ASP A 130 -18.35 -3.93 23.25
CA ASP A 130 -19.53 -3.73 22.43
C ASP A 130 -19.26 -4.13 20.97
N ILE A 131 -18.07 -3.78 20.46
CA ILE A 131 -17.67 -4.19 19.13
C ILE A 131 -17.50 -5.72 19.12
N ALA A 132 -16.77 -6.24 20.11
CA ALA A 132 -16.48 -7.67 20.12
C ALA A 132 -17.77 -8.47 20.05
N GLN A 133 -18.77 -8.11 20.87
CA GLN A 133 -20.00 -8.88 20.92
C GLN A 133 -20.77 -8.80 19.60
N GLY A 134 -20.65 -7.69 18.90
CA GLY A 134 -21.42 -7.49 17.69
C GLY A 134 -20.75 -8.06 16.43
N VAL A 135 -19.44 -8.32 16.52
CA VAL A 135 -18.65 -8.73 15.36
C VAL A 135 -18.33 -10.24 15.42
N HIS A 136 -17.72 -10.70 16.51
CA HIS A 136 -17.11 -12.01 16.48
C HIS A 136 -17.39 -12.93 17.66
N LEU A 137 -17.88 -12.40 18.80
N LEU A 137 -17.82 -12.43 18.82
CA LEU A 137 -18.18 -13.21 19.98
CA LEU A 137 -17.96 -13.32 19.97
C LEU A 137 -19.18 -14.29 19.61
C LEU A 137 -19.14 -14.26 19.74
N ASP A 138 -18.86 -15.55 19.95
CA ASP A 138 -19.79 -16.65 19.79
C ASP A 138 -20.31 -16.74 18.36
N ARG A 139 -19.44 -16.43 17.39
CA ARG A 139 -19.78 -16.60 15.98
C ARG A 139 -18.84 -17.63 15.36
N ASN A 140 -19.43 -18.45 14.50
CA ASN A 140 -18.67 -19.35 13.66
C ASN A 140 -17.73 -18.52 12.79
N GLU A 141 -16.46 -18.94 12.63
CA GLU A 141 -15.49 -18.08 11.95
C GLU A 141 -15.99 -17.67 10.56
N GLU A 142 -16.52 -18.59 9.76
CA GLU A 142 -16.96 -18.24 8.41
C GLU A 142 -18.06 -17.18 8.43
N ASP A 143 -18.80 -17.11 9.54
CA ASP A 143 -19.96 -16.25 9.69
C ASP A 143 -19.69 -15.05 10.60
N ILE A 144 -18.42 -14.75 10.89
N ILE A 144 -18.42 -14.75 10.86
CA ILE A 144 -18.13 -13.54 11.63
CA ILE A 144 -18.01 -13.55 11.58
C ILE A 144 -18.65 -12.34 10.85
C ILE A 144 -18.53 -12.31 10.85
N GLY A 145 -19.07 -11.33 11.59
CA GLY A 145 -19.49 -10.09 11.00
C GLY A 145 -18.30 -9.27 10.51
N ALA A 146 -18.56 -8.40 9.53
CA ALA A 146 -17.58 -7.38 9.22
C ALA A 146 -17.25 -6.59 10.49
N GLY A 147 -15.97 -6.23 10.65
CA GLY A 147 -15.54 -5.51 11.85
C GLY A 147 -15.96 -4.04 11.89
N ASP A 148 -16.50 -3.55 10.77
CA ASP A 148 -16.99 -2.19 10.64
C ASP A 148 -17.87 -2.16 9.40
N GLN A 149 -18.63 -1.06 9.24
CA GLN A 149 -19.16 -0.74 7.94
C GLN A 149 -18.02 -0.23 7.06
N GLY A 150 -18.31 -0.04 5.77
CA GLY A 150 -17.43 0.69 4.90
C GLY A 150 -17.52 0.18 3.47
N LEU A 151 -16.81 0.88 2.60
CA LEU A 151 -16.72 0.55 1.19
C LEU A 151 -15.25 0.38 0.82
N MET A 152 -14.98 -0.49 -0.15
CA MET A 152 -13.63 -0.82 -0.54
C MET A 152 -13.63 -1.07 -2.04
N PHE A 153 -12.51 -0.76 -2.69
CA PHE A 153 -12.36 -1.02 -4.11
C PHE A 153 -11.12 -1.84 -4.40
N GLY A 154 -11.22 -2.60 -5.48
CA GLY A 154 -10.09 -3.27 -6.09
C GLY A 154 -9.97 -2.84 -7.54
N TYR A 155 -8.73 -2.81 -8.04
CA TYR A 155 -8.45 -2.34 -9.39
C TYR A 155 -7.35 -3.22 -9.99
N ALA A 156 -7.41 -3.38 -11.31
CA ALA A 156 -6.33 -4.01 -12.06
C ALA A 156 -6.32 -3.44 -13.48
N THR A 157 -5.12 -3.41 -14.06
CA THR A 157 -4.91 -2.86 -15.39
C THR A 157 -3.83 -3.69 -16.08
N ASP A 158 -4.05 -4.03 -17.35
CA ASP A 158 -3.10 -4.86 -18.06
C ASP A 158 -1.91 -4.09 -18.61
N GLU A 159 -1.74 -2.82 -18.21
CA GLU A 159 -0.67 -2.00 -18.77
C GLU A 159 0.72 -2.44 -18.28
N THR A 160 0.79 -3.18 -17.17
CA THR A 160 2.01 -3.81 -16.70
C THR A 160 1.71 -5.27 -16.40
N GLU A 161 2.78 -6.08 -16.35
N GLU A 161 2.74 -6.11 -16.38
CA GLU A 161 2.66 -7.52 -16.12
CA GLU A 161 2.50 -7.51 -16.14
C GLU A 161 2.04 -7.81 -14.75
C GLU A 161 1.89 -7.73 -14.75
N GLU A 162 2.32 -6.94 -13.76
CA GLU A 162 1.78 -7.09 -12.41
C GLU A 162 0.41 -6.43 -12.25
N CYS A 163 -0.16 -5.95 -13.36
N CYS A 163 -0.18 -5.96 -13.35
CA CYS A 163 -1.53 -5.47 -13.43
CA CYS A 163 -1.57 -5.50 -13.31
C CYS A 163 -1.73 -4.23 -12.55
C CYS A 163 -1.73 -4.23 -12.48
N MET A 164 -0.70 -3.38 -12.49
CA MET A 164 -0.71 -2.12 -11.77
C MET A 164 -0.45 -0.95 -12.71
N PRO A 165 -0.89 0.27 -12.34
CA PRO A 165 -0.55 1.45 -13.13
C PRO A 165 0.96 1.69 -13.20
N LEU A 166 1.46 2.03 -14.39
CA LEU A 166 2.89 2.28 -14.52
C LEU A 166 3.34 3.45 -13.66
N THR A 167 2.50 4.49 -13.54
CA THR A 167 2.83 5.67 -12.76
C THR A 167 3.29 5.29 -11.35
N ILE A 168 2.50 4.47 -10.64
N ILE A 168 2.47 4.45 -10.69
CA ILE A 168 2.87 4.21 -9.27
CA ILE A 168 2.68 4.11 -9.29
C ILE A 168 3.97 3.15 -9.20
C ILE A 168 3.83 3.09 -9.15
N VAL A 169 3.97 2.16 -10.10
CA VAL A 169 5.06 1.19 -10.12
C VAL A 169 6.39 1.91 -10.19
N LEU A 170 6.52 2.85 -11.13
CA LEU A 170 7.77 3.59 -11.25
C LEU A 170 8.04 4.41 -9.99
N ALA A 171 7.01 5.07 -9.45
CA ALA A 171 7.23 5.89 -8.27
C ALA A 171 7.75 5.04 -7.10
N HIS A 172 7.17 3.85 -6.90
CA HIS A 172 7.62 2.94 -5.85
C HIS A 172 9.06 2.49 -6.09
N LYS A 173 9.38 2.15 -7.33
CA LYS A 173 10.71 1.64 -7.63
C LYS A 173 11.77 2.72 -7.42
N LEU A 174 11.43 4.00 -7.63
CA LEU A 174 12.39 5.07 -7.39
C LEU A 174 12.71 5.15 -5.90
N ASN A 175 11.69 5.04 -5.03
CA ASN A 175 11.96 5.02 -3.59
C ASN A 175 12.77 3.79 -3.18
N ALA A 176 12.47 2.62 -3.77
CA ALA A 176 13.21 1.41 -3.44
C ALA A 176 14.68 1.57 -3.84
N LYS A 177 14.93 2.21 -4.98
CA LYS A 177 16.28 2.43 -5.45
C LYS A 177 17.04 3.34 -4.48
N LEU A 178 16.40 4.41 -4.00
CA LEU A 178 17.04 5.27 -3.01
C LEU A 178 17.44 4.46 -1.78
N ALA A 179 16.53 3.64 -1.26
CA ALA A 179 16.85 2.85 -0.08
C ALA A 179 18.00 1.86 -0.35
N GLU A 180 18.03 1.28 -1.55
CA GLU A 180 19.09 0.37 -1.93
C GLU A 180 20.46 1.06 -1.91
N LEU A 181 20.53 2.28 -2.48
CA LEU A 181 21.80 2.97 -2.61
C LEU A 181 22.24 3.59 -1.29
N ARG A 182 21.26 3.87 -0.41
CA ARG A 182 21.57 4.26 0.96
C ARG A 182 22.21 3.08 1.69
N ARG A 183 21.54 1.94 1.63
CA ARG A 183 21.95 0.78 2.40
C ARG A 183 23.27 0.19 1.91
N ASN A 184 23.56 0.29 0.61
CA ASN A 184 24.79 -0.29 0.07
C ASN A 184 25.96 0.67 0.16
N GLY A 185 25.72 1.90 0.65
CA GLY A 185 26.80 2.82 0.95
C GLY A 185 27.29 3.59 -0.26
N THR A 186 26.68 3.40 -1.44
CA THR A 186 27.19 4.13 -2.61
C THR A 186 26.77 5.60 -2.63
N LEU A 187 25.61 5.97 -2.03
CA LEU A 187 25.23 7.36 -1.83
C LEU A 187 25.02 7.58 -0.33
N PRO A 188 26.11 7.70 0.44
CA PRO A 188 26.01 7.68 1.90
C PRO A 188 25.40 8.92 2.52
N TRP A 189 25.21 9.97 1.70
CA TRP A 189 24.54 11.19 2.11
C TRP A 189 23.01 11.03 2.16
N LEU A 190 22.48 9.93 1.64
CA LEU A 190 21.04 9.72 1.68
C LEU A 190 20.59 9.42 3.09
N ARG A 191 19.38 9.89 3.43
N ARG A 191 19.34 9.81 3.38
CA ARG A 191 18.68 9.49 4.64
CA ARG A 191 18.69 9.49 4.62
C ARG A 191 17.39 8.76 4.26
C ARG A 191 17.35 8.84 4.29
N PRO A 192 16.68 8.18 5.25
CA PRO A 192 15.52 7.34 4.95
C PRO A 192 14.23 7.97 4.41
N ASP A 193 14.02 9.26 4.66
CA ASP A 193 12.79 9.95 4.27
C ASP A 193 12.86 10.38 2.81
N SER A 194 11.93 9.91 1.97
CA SER A 194 11.90 10.27 0.56
C SER A 194 10.47 10.29 0.04
N LYS A 195 10.29 11.06 -1.04
CA LYS A 195 9.07 11.08 -1.81
C LYS A 195 9.43 11.12 -3.29
N THR A 196 8.58 10.49 -4.12
CA THR A 196 8.75 10.52 -5.56
C THR A 196 7.40 10.71 -6.21
N GLN A 197 7.42 11.19 -7.45
CA GLN A 197 6.18 11.41 -8.18
C GLN A 197 6.46 11.28 -9.66
N VAL A 198 5.60 10.55 -10.37
CA VAL A 198 5.81 10.25 -11.77
C VAL A 198 4.54 10.60 -12.54
N THR A 199 4.72 11.43 -13.57
CA THR A 199 3.68 11.76 -14.53
C THR A 199 3.98 11.03 -15.84
N VAL A 200 3.04 10.18 -16.27
CA VAL A 200 3.17 9.46 -17.53
C VAL A 200 2.19 10.05 -18.53
N GLN A 201 2.66 10.22 -19.78
N GLN A 201 2.66 10.11 -19.78
CA GLN A 201 1.79 10.48 -20.91
CA GLN A 201 1.85 10.44 -20.94
C GLN A 201 1.35 9.15 -21.51
C GLN A 201 1.36 9.14 -21.56
N TYR A 202 0.02 9.00 -21.64
CA TYR A 202 -0.61 7.79 -22.10
C TYR A 202 -1.42 8.04 -23.36
N MET A 203 -1.66 6.98 -24.14
N MET A 203 -1.58 6.97 -24.15
CA MET A 203 -2.78 6.98 -25.08
CA MET A 203 -2.64 6.87 -25.14
C MET A 203 -3.78 5.93 -24.62
C MET A 203 -3.66 5.87 -24.60
N GLN A 204 -4.86 5.75 -25.40
N GLN A 204 -4.83 5.79 -25.26
CA GLN A 204 -5.92 4.85 -24.98
CA GLN A 204 -5.84 4.79 -24.92
C GLN A 204 -6.38 4.07 -26.19
C GLN A 204 -6.31 4.05 -26.16
N ASP A 205 -6.92 2.88 -25.92
CA ASP A 205 -7.47 2.02 -26.95
C ASP A 205 -8.67 1.29 -26.34
N ARG A 206 -9.88 1.77 -26.69
CA ARG A 206 -11.12 1.15 -26.23
C ARG A 206 -11.08 0.95 -24.72
N GLY A 207 -10.63 1.99 -24.00
CA GLY A 207 -10.65 2.00 -22.55
C GLY A 207 -9.37 1.49 -21.92
N ALA A 208 -8.53 0.72 -22.65
CA ALA A 208 -7.24 0.32 -22.12
C ALA A 208 -6.28 1.49 -22.21
N VAL A 209 -5.28 1.52 -21.32
CA VAL A 209 -4.33 2.63 -21.34
C VAL A 209 -2.96 2.09 -21.72
N LEU A 210 -2.26 2.91 -22.52
CA LEU A 210 -1.02 2.54 -23.16
C LEU A 210 0.03 3.60 -22.82
N PRO A 211 1.01 3.30 -21.93
N PRO A 211 1.06 3.31 -22.00
CA PRO A 211 2.09 4.26 -21.67
CA PRO A 211 2.03 4.33 -21.63
C PRO A 211 2.85 4.62 -22.96
C PRO A 211 3.01 4.63 -22.76
N ILE A 212 3.17 5.91 -23.09
N ILE A 212 3.21 5.94 -23.02
CA ILE A 212 4.04 6.41 -24.14
CA ILE A 212 4.02 6.41 -24.14
C ILE A 212 5.39 6.80 -23.56
C ILE A 212 5.38 6.93 -23.68
N ARG A 213 5.39 7.77 -22.65
CA ARG A 213 6.62 8.35 -22.17
C ARG A 213 6.41 8.92 -20.77
N VAL A 214 7.52 9.16 -20.08
CA VAL A 214 7.48 9.85 -18.80
C VAL A 214 7.61 11.35 -19.06
N HIS A 215 6.60 12.07 -18.58
CA HIS A 215 6.50 13.49 -18.80
C HIS A 215 7.29 14.27 -17.73
N THR A 216 7.10 13.91 -16.45
CA THR A 216 7.72 14.61 -15.33
C THR A 216 8.07 13.61 -14.22
N ILE A 217 9.24 13.80 -13.59
CA ILE A 217 9.61 13.07 -12.38
C ILE A 217 10.00 14.07 -11.28
N VAL A 218 9.46 13.85 -10.08
CA VAL A 218 9.88 14.53 -8.87
C VAL A 218 10.58 13.52 -7.98
N ILE A 219 11.72 13.91 -7.40
CA ILE A 219 12.32 13.18 -6.28
C ILE A 219 12.75 14.19 -5.23
N SER A 220 12.29 13.99 -3.99
CA SER A 220 12.77 14.70 -2.82
C SER A 220 13.26 13.67 -1.81
N VAL A 221 14.49 13.81 -1.35
CA VAL A 221 15.03 12.87 -0.37
C VAL A 221 15.89 13.59 0.66
N GLN A 222 15.72 13.20 1.93
CA GLN A 222 16.49 13.76 3.02
C GLN A 222 17.97 13.44 2.81
N HIS A 223 18.83 14.38 3.21
CA HIS A 223 20.24 14.26 2.93
C HIS A 223 21.07 14.88 4.05
N ASP A 224 22.36 14.57 4.04
CA ASP A 224 23.27 15.10 5.04
C ASP A 224 23.62 16.57 4.74
N GLU A 225 24.25 17.21 5.73
N GLU A 225 24.30 17.17 5.71
CA GLU A 225 24.51 18.64 5.67
CA GLU A 225 24.55 18.61 5.74
C GLU A 225 25.55 18.95 4.59
C GLU A 225 25.76 18.99 4.88
N GLU A 226 26.45 17.99 4.31
CA GLU A 226 27.67 18.29 3.57
C GLU A 226 27.51 18.22 2.05
N VAL A 227 26.57 17.45 1.51
CA VAL A 227 26.49 17.22 0.08
C VAL A 227 25.78 18.41 -0.59
N CYS A 228 26.23 18.80 -1.78
CA CYS A 228 25.65 19.93 -2.46
C CYS A 228 24.55 19.51 -3.44
N LEU A 229 23.80 20.51 -3.87
N LEU A 229 23.73 20.48 -3.86
CA LEU A 229 22.63 20.31 -4.70
CA LEU A 229 22.59 20.21 -4.74
C LEU A 229 23.02 19.69 -6.04
C LEU A 229 23.04 19.62 -6.06
N ASP A 230 24.15 20.09 -6.61
CA ASP A 230 24.57 19.59 -7.91
C ASP A 230 24.98 18.11 -7.83
N GLU A 231 25.74 17.75 -6.79
CA GLU A 231 26.08 16.36 -6.58
C GLU A 231 24.82 15.52 -6.45
N MET A 232 23.86 15.99 -5.65
CA MET A 232 22.64 15.22 -5.44
C MET A 232 21.84 15.11 -6.75
N ARG A 233 21.66 16.22 -7.47
CA ARG A 233 20.81 16.18 -8.64
C ARG A 233 21.43 15.27 -9.71
N ASP A 234 22.75 15.33 -9.87
CA ASP A 234 23.42 14.46 -10.82
C ASP A 234 23.23 12.98 -10.44
N ALA A 235 23.41 12.66 -9.16
CA ALA A 235 23.25 11.29 -8.72
C ALA A 235 21.80 10.82 -8.90
N LEU A 236 20.83 11.68 -8.56
CA LEU A 236 19.45 11.27 -8.68
C LEU A 236 19.07 10.96 -10.12
N LYS A 237 19.60 11.73 -11.08
N LYS A 237 19.60 11.73 -11.08
CA LYS A 237 19.34 11.44 -12.47
CA LYS A 237 19.33 11.44 -12.48
C LYS A 237 20.06 10.17 -12.92
C LYS A 237 20.06 10.17 -12.92
N GLU A 238 21.37 10.08 -12.67
CA GLU A 238 22.19 9.03 -13.27
C GLU A 238 22.10 7.69 -12.55
N LYS A 239 22.04 7.72 -11.21
N LYS A 239 21.98 7.71 -11.22
CA LYS A 239 22.12 6.50 -10.43
CA LYS A 239 22.10 6.48 -10.44
C LYS A 239 20.75 6.02 -9.95
C LYS A 239 20.75 6.03 -9.89
N VAL A 240 19.74 6.90 -9.95
CA VAL A 240 18.41 6.55 -9.47
C VAL A 240 17.47 6.45 -10.67
N ILE A 241 17.15 7.58 -11.32
CA ILE A 241 16.19 7.54 -12.41
C ILE A 241 16.64 6.59 -13.54
N LYS A 242 17.88 6.72 -14.00
CA LYS A 242 18.30 5.88 -15.11
C LYS A 242 18.38 4.40 -14.74
N ALA A 243 18.57 4.11 -13.45
CA ALA A 243 18.60 2.73 -12.99
C ALA A 243 17.21 2.12 -12.85
N VAL A 244 16.15 2.92 -12.96
CA VAL A 244 14.79 2.48 -12.72
C VAL A 244 13.91 2.61 -13.96
N VAL A 245 13.95 3.78 -14.61
CA VAL A 245 12.99 4.09 -15.67
C VAL A 245 13.61 3.74 -17.02
N PRO A 246 12.98 2.86 -17.82
CA PRO A 246 13.53 2.56 -19.14
C PRO A 246 13.78 3.81 -20.00
N ALA A 247 14.92 3.80 -20.69
CA ALA A 247 15.33 4.94 -21.48
C ALA A 247 14.29 5.26 -22.55
N LYS A 248 13.54 4.26 -23.02
CA LYS A 248 12.55 4.49 -24.06
C LYS A 248 11.45 5.44 -23.60
N TYR A 249 11.27 5.62 -22.28
CA TYR A 249 10.27 6.53 -21.75
C TYR A 249 10.83 7.93 -21.45
N LEU A 250 12.15 8.12 -21.52
CA LEU A 250 12.77 9.39 -21.19
C LEU A 250 13.27 10.04 -22.47
N ASP A 251 13.04 11.35 -22.60
CA ASP A 251 13.51 12.04 -23.78
C ASP A 251 13.92 13.46 -23.40
N GLU A 252 14.26 14.27 -24.41
N GLU A 252 14.25 14.29 -24.39
CA GLU A 252 14.78 15.60 -24.17
CA GLU A 252 14.79 15.60 -24.13
C GLU A 252 13.75 16.49 -23.50
C GLU A 252 13.72 16.58 -23.65
N ASP A 253 12.45 16.16 -23.63
CA ASP A 253 11.37 16.98 -23.12
C ASP A 253 11.00 16.59 -21.68
N THR A 254 11.44 15.43 -21.20
CA THR A 254 11.09 15.00 -19.84
C THR A 254 11.54 16.09 -18.85
N ILE A 255 10.65 16.40 -17.90
CA ILE A 255 10.89 17.42 -16.89
C ILE A 255 11.31 16.74 -15.58
N TYR A 256 12.41 17.24 -15.00
CA TYR A 256 12.96 16.71 -13.78
C TYR A 256 12.93 17.75 -12.69
N HIS A 257 12.27 17.42 -11.58
CA HIS A 257 12.26 18.21 -10.37
C HIS A 257 12.93 17.43 -9.26
N LEU A 258 14.26 17.59 -9.15
CA LEU A 258 15.08 16.79 -8.26
C LEU A 258 15.57 17.69 -7.13
N GLN A 259 15.29 17.32 -5.88
CA GLN A 259 15.47 18.20 -4.74
C GLN A 259 14.88 19.58 -5.03
N PRO A 260 13.60 19.68 -5.45
CA PRO A 260 13.05 20.99 -5.82
C PRO A 260 12.90 21.96 -4.67
N SER A 261 12.90 21.51 -3.41
CA SER A 261 12.86 22.45 -2.29
C SER A 261 14.22 23.10 -2.05
N GLY A 262 15.29 22.53 -2.60
CA GLY A 262 16.62 23.09 -2.46
C GLY A 262 17.37 22.66 -1.20
N ARG A 263 16.67 22.17 -0.18
CA ARG A 263 17.33 21.74 1.04
C ARG A 263 16.37 20.86 1.83
N PHE A 264 16.85 19.68 2.25
CA PHE A 264 16.05 18.68 2.93
C PHE A 264 16.98 17.94 3.90
N VAL A 265 17.54 18.68 4.86
CA VAL A 265 18.40 18.10 5.89
C VAL A 265 17.56 17.62 7.06
N ILE A 266 16.63 18.47 7.51
CA ILE A 266 15.63 18.08 8.49
C ILE A 266 14.63 17.18 7.80
N GLY A 267 14.41 15.98 8.36
CA GLY A 267 13.44 15.06 7.79
C GLY A 267 13.00 14.02 8.80
N GLY A 268 12.30 13.00 8.30
CA GLY A 268 11.63 12.06 9.17
C GLY A 268 10.62 12.78 10.04
N PRO A 269 10.23 12.19 11.18
CA PRO A 269 9.24 12.79 12.06
C PRO A 269 9.58 14.19 12.55
N GLN A 270 10.87 14.52 12.62
CA GLN A 270 11.28 15.86 13.00
C GLN A 270 10.80 16.90 11.99
N GLY A 271 10.80 16.55 10.70
CA GLY A 271 10.36 17.47 9.67
C GLY A 271 8.85 17.57 9.52
N ASP A 272 8.13 16.50 9.88
CA ASP A 272 6.71 16.39 9.55
C ASP A 272 6.13 15.25 10.37
N ALA A 273 5.04 15.50 11.11
CA ALA A 273 4.41 14.46 11.89
C ALA A 273 3.90 13.36 10.96
N GLY A 274 4.03 12.12 11.41
CA GLY A 274 3.52 10.94 10.74
C GLY A 274 2.36 10.32 11.52
N LEU A 275 1.42 9.75 10.77
CA LEU A 275 0.33 8.98 11.34
C LEU A 275 0.09 7.76 10.47
N THR A 276 -0.37 6.68 11.10
CA THR A 276 -0.85 5.51 10.36
C THR A 276 -2.03 5.87 9.48
N GLY A 277 -2.06 5.31 8.26
CA GLY A 277 -3.24 5.44 7.41
C GLY A 277 -3.37 6.79 6.73
N ARG A 278 -2.23 7.46 6.50
CA ARG A 278 -2.21 8.76 5.80
C ARG A 278 -1.52 8.65 4.45
N LYS A 279 -1.27 7.43 3.97
CA LYS A 279 -0.74 7.19 2.64
C LYS A 279 -1.58 6.13 1.92
N ILE A 280 -2.91 6.26 1.97
CA ILE A 280 -3.76 5.16 1.52
C ILE A 280 -3.79 5.04 0.00
N ILE A 281 -3.45 6.12 -0.70
CA ILE A 281 -3.40 6.10 -2.16
C ILE A 281 -2.05 5.56 -2.65
N VAL A 282 -0.95 5.91 -1.95
CA VAL A 282 0.32 5.25 -2.16
C VAL A 282 0.21 3.74 -1.92
N ASP A 283 -0.60 3.35 -0.92
CA ASP A 283 -0.73 1.95 -0.57
C ASP A 283 -1.50 1.15 -1.62
N THR A 284 -2.25 1.81 -2.51
CA THR A 284 -3.18 1.18 -3.42
C THR A 284 -2.80 1.47 -4.87
N TYR A 285 -3.51 2.41 -5.53
CA TYR A 285 -3.42 2.51 -6.99
C TYR A 285 -2.97 3.88 -7.48
N GLY A 286 -2.41 4.72 -6.61
CA GLY A 286 -1.79 5.94 -7.07
C GLY A 286 -2.74 6.92 -7.78
N GLY A 287 -4.01 6.91 -7.39
CA GLY A 287 -5.00 7.81 -7.93
C GLY A 287 -5.91 7.15 -8.94
N TRP A 288 -5.43 6.05 -9.54
CA TRP A 288 -6.24 5.28 -10.45
C TRP A 288 -7.29 4.50 -9.67
N GLY A 289 -8.30 4.02 -10.39
CA GLY A 289 -9.31 3.20 -9.73
C GLY A 289 -10.18 4.06 -8.82
N ALA A 290 -10.23 3.71 -7.52
CA ALA A 290 -11.01 4.44 -6.53
C ALA A 290 -10.55 3.99 -5.16
N HIS A 291 -11.02 4.67 -4.11
CA HIS A 291 -10.69 4.29 -2.75
C HIS A 291 -11.90 4.54 -1.87
N GLY A 292 -12.15 3.63 -0.92
CA GLY A 292 -13.25 3.77 0.02
C GLY A 292 -12.91 4.49 1.32
N GLY A 293 -11.62 4.76 1.55
CA GLY A 293 -11.19 5.61 2.66
C GLY A 293 -10.45 4.89 3.79
N GLY A 294 -10.61 3.58 3.88
CA GLY A 294 -10.06 2.84 5.00
C GLY A 294 -8.57 2.57 4.86
N ALA A 295 -7.86 2.71 5.98
CA ALA A 295 -6.44 2.39 6.06
C ALA A 295 -6.25 0.89 6.25
N PHE A 296 -5.07 0.41 5.87
CA PHE A 296 -4.77 -1.01 6.01
C PHE A 296 -3.97 -1.34 7.28
N SER A 297 -2.93 -0.57 7.59
CA SER A 297 -1.93 -1.03 8.55
C SER A 297 -2.46 -1.00 9.97
N GLY A 298 -2.01 -1.99 10.75
CA GLY A 298 -2.34 -2.11 12.15
C GLY A 298 -3.64 -2.86 12.43
N LYS A 299 -4.25 -3.47 11.39
N LYS A 299 -4.22 -3.49 11.38
CA LYS A 299 -5.55 -4.10 11.54
CA LYS A 299 -5.54 -4.10 11.42
C LYS A 299 -5.51 -5.56 11.13
C LYS A 299 -5.46 -5.59 11.13
N ASP A 300 -6.15 -6.41 11.95
CA ASP A 300 -6.33 -7.82 11.67
C ASP A 300 -7.45 -8.02 10.64
N TYR A 301 -7.61 -9.28 10.22
CA TYR A 301 -8.45 -9.56 9.05
C TYR A 301 -9.92 -9.22 9.27
N THR A 302 -10.38 -9.17 10.52
CA THR A 302 -11.78 -8.87 10.75
C THR A 302 -12.13 -7.42 10.37
N LYS A 303 -11.13 -6.57 10.21
CA LYS A 303 -11.31 -5.22 9.72
C LYS A 303 -11.33 -5.30 8.20
N VAL A 304 -12.54 -5.24 7.63
CA VAL A 304 -12.74 -5.35 6.20
C VAL A 304 -12.07 -4.22 5.41
N ASP A 305 -11.73 -3.08 6.04
CA ASP A 305 -10.95 -2.08 5.36
C ASP A 305 -9.73 -2.69 4.69
N ARG A 306 -9.13 -3.68 5.35
CA ARG A 306 -7.97 -4.36 4.81
C ARG A 306 -8.40 -5.64 4.05
N SER A 307 -9.03 -6.59 4.74
CA SER A 307 -9.30 -7.88 4.12
C SER A 307 -10.16 -7.77 2.85
N ALA A 308 -11.18 -6.91 2.86
CA ALA A 308 -12.04 -6.83 1.69
C ALA A 308 -11.35 -6.05 0.56
N ALA A 309 -10.49 -5.08 0.88
CA ALA A 309 -9.71 -4.42 -0.16
C ALA A 309 -8.73 -5.39 -0.82
N TYR A 310 -8.12 -6.27 -0.01
CA TYR A 310 -7.23 -7.29 -0.56
C TYR A 310 -8.02 -8.25 -1.45
N ALA A 311 -9.20 -8.67 -0.97
CA ALA A 311 -10.04 -9.55 -1.76
C ALA A 311 -10.50 -8.88 -3.06
N ALA A 312 -10.81 -7.57 -3.00
CA ALA A 312 -11.28 -6.85 -4.17
C ALA A 312 -10.15 -6.74 -5.20
N ARG A 313 -8.92 -6.52 -4.75
CA ARG A 313 -7.76 -6.56 -5.65
C ARG A 313 -7.68 -7.94 -6.31
N TRP A 314 -7.83 -9.01 -5.51
CA TRP A 314 -7.76 -10.38 -6.00
C TRP A 314 -8.83 -10.62 -7.08
N VAL A 315 -10.05 -10.14 -6.85
CA VAL A 315 -11.11 -10.25 -7.84
C VAL A 315 -10.70 -9.52 -9.12
N ALA A 316 -10.32 -8.24 -9.00
CA ALA A 316 -9.97 -7.43 -10.16
C ALA A 316 -8.86 -8.10 -10.98
N LYS A 317 -7.79 -8.51 -10.29
CA LYS A 317 -6.68 -9.13 -10.98
C LYS A 317 -7.10 -10.44 -11.63
N SER A 318 -7.99 -11.20 -10.98
CA SER A 318 -8.49 -12.45 -11.53
C SER A 318 -9.27 -12.19 -12.83
N LEU A 319 -10.06 -11.11 -12.88
CA LEU A 319 -10.82 -10.79 -14.09
C LEU A 319 -9.88 -10.41 -15.23
N VAL A 320 -8.83 -9.65 -14.94
CA VAL A 320 -7.93 -9.20 -15.99
C VAL A 320 -7.07 -10.39 -16.47
N LYS A 321 -6.48 -11.13 -15.53
N LYS A 321 -6.47 -11.13 -15.53
CA LYS A 321 -5.63 -12.26 -15.88
CA LYS A 321 -5.62 -12.26 -15.89
C LYS A 321 -6.42 -13.41 -16.51
C LYS A 321 -6.44 -13.34 -16.60
N GLY A 322 -7.73 -13.42 -16.26
CA GLY A 322 -8.61 -14.40 -16.88
C GLY A 322 -9.08 -14.01 -18.27
N GLY A 323 -8.66 -12.83 -18.74
CA GLY A 323 -8.95 -12.41 -20.10
C GLY A 323 -10.35 -11.82 -20.27
N LEU A 324 -11.05 -11.51 -19.18
CA LEU A 324 -12.41 -10.99 -19.29
C LEU A 324 -12.43 -9.48 -19.50
N CYS A 325 -11.34 -8.80 -19.19
N CYS A 325 -11.42 -8.78 -18.98
CA CYS A 325 -11.27 -7.36 -19.36
CA CYS A 325 -11.27 -7.33 -19.05
C CYS A 325 -9.82 -6.93 -19.25
C CYS A 325 -9.80 -7.01 -19.36
N ARG A 326 -9.52 -5.78 -19.85
CA ARG A 326 -8.18 -5.24 -19.82
C ARG A 326 -7.95 -4.38 -18.57
N ARG A 327 -9.02 -3.78 -18.06
N ARG A 327 -9.04 -3.82 -18.03
CA ARG A 327 -8.97 -3.04 -16.81
CA ARG A 327 -9.03 -2.93 -16.88
C ARG A 327 -10.32 -3.19 -16.12
C ARG A 327 -10.34 -3.10 -16.13
N VAL A 328 -10.32 -3.12 -14.79
CA VAL A 328 -11.57 -3.27 -14.05
C VAL A 328 -11.43 -2.69 -12.65
N LEU A 329 -12.55 -2.13 -12.20
CA LEU A 329 -12.74 -1.63 -10.85
C LEU A 329 -13.89 -2.42 -10.22
N VAL A 330 -13.69 -2.79 -8.95
CA VAL A 330 -14.66 -3.54 -8.17
C VAL A 330 -14.93 -2.75 -6.89
N GLN A 331 -16.21 -2.49 -6.59
CA GLN A 331 -16.60 -1.98 -5.28
C GLN A 331 -17.27 -3.10 -4.48
N VAL A 332 -16.98 -3.14 -3.18
N VAL A 332 -17.01 -3.11 -3.17
CA VAL A 332 -17.74 -3.90 -2.22
CA VAL A 332 -17.70 -3.94 -2.21
C VAL A 332 -18.07 -2.99 -1.03
C VAL A 332 -17.96 -3.11 -0.95
N SER A 333 -19.06 -3.38 -0.24
CA SER A 333 -19.37 -2.63 0.97
C SER A 333 -19.95 -3.58 2.03
N TYR A 334 -19.88 -3.16 3.29
CA TYR A 334 -20.25 -3.96 4.44
C TYR A 334 -21.00 -3.14 5.48
N ALA A 335 -21.70 -3.82 6.38
CA ALA A 335 -22.22 -3.27 7.62
C ALA A 335 -21.54 -3.97 8.78
N ILE A 336 -21.22 -3.25 9.87
CA ILE A 336 -20.65 -3.88 11.04
C ILE A 336 -21.59 -4.99 11.52
N GLY A 337 -21.01 -6.15 11.82
CA GLY A 337 -21.76 -7.27 12.36
C GLY A 337 -22.44 -8.15 11.32
N VAL A 338 -22.36 -7.81 10.04
CA VAL A 338 -23.00 -8.55 8.96
C VAL A 338 -21.88 -9.16 8.11
N SER A 339 -21.98 -10.45 7.81
N SER A 339 -22.00 -10.46 7.82
CA SER A 339 -20.89 -11.15 7.14
CA SER A 339 -20.95 -11.22 7.15
C SER A 339 -20.84 -10.86 5.64
C SER A 339 -20.86 -10.87 5.67
N HIS A 340 -21.98 -11.02 4.95
CA HIS A 340 -21.99 -10.85 3.50
C HIS A 340 -21.95 -9.37 3.14
N PRO A 341 -21.27 -9.02 2.03
CA PRO A 341 -21.28 -7.65 1.56
C PRO A 341 -22.70 -7.17 1.26
N LEU A 342 -22.92 -5.87 1.48
N LEU A 342 -22.91 -5.86 1.46
CA LEU A 342 -24.19 -5.22 1.19
CA LEU A 342 -24.19 -5.21 1.21
C LEU A 342 -24.36 -5.00 -0.30
C LEU A 342 -24.36 -4.88 -0.27
N SER A 343 -23.24 -4.71 -0.98
CA SER A 343 -23.25 -4.34 -2.39
C SER A 343 -21.94 -4.82 -3.01
N ILE A 344 -22.01 -5.14 -4.31
CA ILE A 344 -20.85 -5.42 -5.13
C ILE A 344 -21.13 -4.77 -6.48
N SER A 345 -20.12 -4.10 -7.05
CA SER A 345 -20.29 -3.38 -8.30
C SER A 345 -19.03 -3.48 -9.15
N ILE A 346 -19.21 -3.42 -10.48
CA ILE A 346 -18.11 -3.58 -11.42
C ILE A 346 -18.14 -2.46 -12.45
N PHE A 347 -16.95 -1.93 -12.77
CA PHE A 347 -16.78 -0.95 -13.84
C PHE A 347 -15.61 -1.41 -14.70
N HIS A 348 -15.84 -1.65 -15.99
CA HIS A 348 -14.79 -2.23 -16.82
C HIS A 348 -14.19 -1.24 -17.83
N TYR A 349 -14.57 0.04 -17.76
CA TYR A 349 -13.99 1.11 -18.56
C TYR A 349 -14.19 0.88 -20.06
N GLY A 350 -15.12 -0.02 -20.44
CA GLY A 350 -15.33 -0.36 -21.84
C GLY A 350 -14.40 -1.46 -22.36
N THR A 351 -13.66 -2.14 -21.46
CA THR A 351 -12.58 -3.01 -21.89
C THR A 351 -12.96 -4.50 -21.89
N SER A 352 -14.27 -4.79 -21.88
CA SER A 352 -14.79 -6.13 -21.98
C SER A 352 -15.87 -6.19 -23.05
N GLN A 353 -16.00 -7.34 -23.71
CA GLN A 353 -17.16 -7.60 -24.54
C GLN A 353 -18.38 -7.92 -23.67
N LYS A 354 -18.15 -8.42 -22.45
CA LYS A 354 -19.23 -8.72 -21.53
C LYS A 354 -19.70 -7.44 -20.85
N SER A 355 -20.98 -7.40 -20.51
CA SER A 355 -21.53 -6.28 -19.75
C SER A 355 -21.00 -6.33 -18.31
N GLU A 356 -21.07 -5.19 -17.64
CA GLU A 356 -20.74 -5.11 -16.23
C GLU A 356 -21.66 -6.04 -15.44
N ARG A 357 -22.94 -6.15 -15.83
CA ARG A 357 -23.85 -7.09 -15.18
C ARG A 357 -23.34 -8.53 -15.29
N GLU A 358 -22.90 -8.93 -16.48
N GLU A 358 -22.87 -8.92 -16.48
CA GLU A 358 -22.36 -10.27 -16.66
CA GLU A 358 -22.37 -10.26 -16.71
C GLU A 358 -21.14 -10.47 -15.78
C GLU A 358 -21.10 -10.51 -15.90
N LEU A 359 -20.21 -9.52 -15.79
CA LEU A 359 -19.01 -9.65 -14.99
C LEU A 359 -19.38 -9.79 -13.51
N LEU A 360 -20.37 -9.00 -13.06
CA LEU A 360 -20.78 -9.09 -11.67
C LEU A 360 -21.29 -10.49 -11.35
N GLU A 361 -22.07 -11.08 -12.27
N GLU A 361 -22.06 -11.09 -12.26
CA GLU A 361 -22.57 -12.42 -12.11
CA GLU A 361 -22.55 -12.44 -12.04
C GLU A 361 -21.40 -13.41 -11.96
C GLU A 361 -21.40 -13.43 -11.96
N ILE A 362 -20.37 -13.25 -12.79
CA ILE A 362 -19.19 -14.11 -12.72
C ILE A 362 -18.51 -13.95 -11.37
N VAL A 363 -18.38 -12.73 -10.88
CA VAL A 363 -17.76 -12.52 -9.58
C VAL A 363 -18.56 -13.24 -8.50
N LYS A 364 -19.89 -13.07 -8.50
CA LYS A 364 -20.72 -13.61 -7.44
C LYS A 364 -20.67 -15.14 -7.45
N LYS A 365 -20.52 -15.76 -8.64
CA LYS A 365 -20.47 -17.20 -8.76
C LYS A 365 -19.11 -17.77 -8.33
N ASN A 366 -18.06 -16.94 -8.34
CA ASN A 366 -16.70 -17.43 -8.12
C ASN A 366 -16.09 -17.02 -6.79
N PHE A 367 -16.63 -16.00 -6.13
CA PHE A 367 -16.03 -15.48 -4.92
C PHE A 367 -17.05 -15.41 -3.79
N ASP A 368 -16.56 -15.64 -2.57
CA ASP A 368 -17.32 -15.50 -1.35
C ASP A 368 -16.59 -14.46 -0.50
N LEU A 369 -17.18 -13.27 -0.38
CA LEU A 369 -16.47 -12.12 0.16
C LEU A 369 -16.85 -11.86 1.61
N ARG A 370 -17.34 -12.88 2.32
CA ARG A 370 -17.43 -12.79 3.76
C ARG A 370 -16.03 -12.74 4.34
N PRO A 371 -15.76 -11.90 5.37
CA PRO A 371 -14.41 -11.83 5.92
C PRO A 371 -13.91 -13.17 6.47
N GLY A 372 -14.81 -13.97 7.05
CA GLY A 372 -14.46 -15.26 7.59
C GLY A 372 -14.16 -16.31 6.53
N VAL A 373 -14.41 -16.01 5.25
CA VAL A 373 -13.99 -16.85 4.14
C VAL A 373 -12.74 -16.27 3.48
N ILE A 374 -12.70 -14.94 3.30
CA ILE A 374 -11.51 -14.27 2.79
C ILE A 374 -10.28 -14.70 3.60
N VAL A 375 -10.40 -14.76 4.92
CA VAL A 375 -9.27 -15.10 5.77
C VAL A 375 -8.65 -16.44 5.38
N ARG A 376 -9.50 -17.42 5.02
CA ARG A 376 -9.04 -18.72 4.61
C ARG A 376 -8.38 -18.64 3.22
N ASP A 377 -9.07 -18.01 2.27
CA ASP A 377 -8.58 -17.94 0.91
C ASP A 377 -7.24 -17.19 0.81
N LEU A 378 -7.09 -16.11 1.59
CA LEU A 378 -5.91 -15.25 1.46
C LEU A 378 -4.93 -15.44 2.63
N ASP A 379 -5.20 -16.41 3.52
CA ASP A 379 -4.29 -16.78 4.61
C ASP A 379 -3.97 -15.57 5.51
N LEU A 380 -5.00 -14.83 5.93
CA LEU A 380 -4.79 -13.51 6.52
C LEU A 380 -4.48 -13.54 8.01
N LYS A 381 -4.30 -14.72 8.61
CA LYS A 381 -3.74 -14.75 9.97
C LYS A 381 -2.22 -14.86 9.95
N LYS A 382 -1.61 -14.96 8.77
CA LYS A 382 -0.16 -15.11 8.68
C LYS A 382 0.51 -13.77 8.93
N PRO A 383 1.58 -13.72 9.75
CA PRO A 383 2.24 -12.46 10.08
C PRO A 383 3.19 -11.94 9.00
N ILE A 384 2.64 -11.52 7.85
N ILE A 384 2.60 -11.55 7.86
CA ILE A 384 3.43 -10.99 6.75
CA ILE A 384 3.35 -11.04 6.71
C ILE A 384 3.15 -9.51 6.53
C ILE A 384 3.00 -9.58 6.46
N TYR A 385 2.42 -8.90 7.45
CA TYR A 385 1.88 -7.57 7.19
C TYR A 385 2.95 -6.48 7.14
N GLN A 386 4.00 -6.58 7.96
CA GLN A 386 5.00 -5.51 7.89
C GLN A 386 5.58 -5.40 6.47
N ARG A 387 5.66 -6.52 5.74
N ARG A 387 5.68 -6.54 5.78
CA ARG A 387 6.19 -6.51 4.39
CA ARG A 387 6.15 -6.58 4.39
C ARG A 387 5.26 -5.79 3.41
C ARG A 387 5.30 -5.64 3.52
N THR A 388 3.98 -5.61 3.78
CA THR A 388 3.05 -4.89 2.92
C THR A 388 3.10 -3.38 3.09
N ALA A 389 3.71 -2.89 4.19
CA ALA A 389 3.51 -1.52 4.65
C ALA A 389 4.44 -0.48 4.04
N ALA A 390 5.30 -0.87 3.08
CA ALA A 390 5.98 0.08 2.21
C ALA A 390 5.97 -0.46 0.79
N TYR A 391 5.98 0.45 -0.19
CA TYR A 391 6.09 0.14 -1.61
C TYR A 391 4.79 -0.43 -2.18
N GLY A 392 3.68 -0.19 -1.48
CA GLY A 392 2.37 -0.60 -1.96
C GLY A 392 1.99 -2.02 -1.53
N HIS A 393 0.69 -2.22 -1.31
CA HIS A 393 0.20 -3.52 -0.89
C HIS A 393 -0.03 -4.47 -2.07
N PHE A 394 -0.06 -3.94 -3.28
CA PHE A 394 -0.48 -4.65 -4.47
C PHE A 394 0.64 -4.64 -5.50
N GLY A 395 0.60 -5.65 -6.36
CA GLY A 395 1.51 -5.72 -7.50
C GLY A 395 2.91 -6.25 -7.19
N ARG A 396 3.12 -6.88 -6.03
N ARG A 396 3.09 -6.84 -5.98
CA ARG A 396 4.45 -7.40 -5.78
CA ARG A 396 4.39 -7.28 -5.48
C ARG A 396 4.41 -8.59 -4.83
C ARG A 396 4.32 -8.69 -4.87
N ASP A 397 5.43 -9.43 -5.01
CA ASP A 397 5.78 -10.54 -4.12
C ASP A 397 4.85 -11.75 -4.15
N SER A 398 3.89 -11.79 -5.08
CA SER A 398 3.02 -12.95 -5.19
C SER A 398 2.36 -13.29 -3.84
N PHE A 399 1.94 -12.27 -3.08
CA PHE A 399 1.05 -12.46 -1.95
C PHE A 399 -0.21 -13.15 -2.43
N PRO A 400 -1.04 -13.77 -1.55
CA PRO A 400 -2.18 -14.54 -2.03
C PRO A 400 -3.18 -13.77 -2.89
N TRP A 401 -3.34 -12.46 -2.62
CA TRP A 401 -4.28 -11.65 -3.39
C TRP A 401 -3.75 -11.30 -4.78
N GLU A 402 -2.47 -11.61 -5.03
CA GLU A 402 -1.85 -11.38 -6.32
C GLU A 402 -1.80 -12.63 -7.19
N VAL A 403 -2.27 -13.77 -6.67
CA VAL A 403 -2.31 -15.01 -7.41
C VAL A 403 -3.73 -15.17 -7.94
N PRO A 404 -3.94 -15.04 -9.27
N PRO A 404 -4.02 -14.99 -9.26
CA PRO A 404 -5.30 -15.03 -9.80
CA PRO A 404 -5.41 -14.98 -9.73
C PRO A 404 -5.99 -16.32 -9.39
C PRO A 404 -6.19 -16.29 -9.61
N LYS A 405 -7.28 -16.17 -9.12
N LYS A 405 -7.51 -16.18 -9.38
CA LYS A 405 -8.20 -17.30 -9.05
CA LYS A 405 -8.36 -17.36 -9.29
C LYS A 405 -8.66 -17.61 -10.46
C LYS A 405 -8.79 -17.78 -10.70
N LYS A 406 -8.67 -18.91 -10.80
N LYS A 406 -8.69 -19.08 -11.01
CA LYS A 406 -9.22 -19.41 -12.05
CA LYS A 406 -9.24 -19.58 -12.25
C LYS A 406 -10.75 -19.36 -11.98
C LYS A 406 -10.76 -19.58 -12.16
N LEU A 407 -11.37 -18.76 -13.00
CA LEU A 407 -12.80 -18.50 -12.96
C LEU A 407 -13.58 -19.50 -13.80
N LYS A 408 -14.76 -19.85 -13.28
CA LYS A 408 -15.74 -20.69 -13.96
C LYS A 408 -16.89 -19.81 -14.43
N TYR A 409 -17.24 -19.91 -15.74
CA TYR A 409 -18.31 -19.14 -16.35
C TYR A 409 -18.63 -19.72 -17.73
OAV YMW B . -9.43 5.83 -15.67
CAN YMW B . -9.11 6.95 -16.14
CAO YMW B . -8.79 7.13 -17.45
NAP YMW B . -8.78 6.23 -18.43
NAQ YMW B . -8.42 6.86 -19.55
CAR YMW B . -8.31 6.20 -20.84
CAS YMW B . -9.74 5.71 -21.18
CAT YMW B . -8.19 8.15 -19.28
CAU YMW B . -8.41 8.35 -17.96
CAE YMW B . -8.34 9.46 -17.12
CAD YMW B . -7.98 10.75 -17.53
CAC YMW B . -7.97 11.84 -16.64
CAB YMW B . -8.33 11.64 -15.32
CLAA YMW B . -8.42 12.98 -14.22
CAW YMW B . -8.69 10.36 -14.87
CAF YMW B . -8.71 9.27 -15.77
NAG YMW B . -9.06 8.01 -15.31
CAH YMW B . -9.49 7.83 -14.01
CAI YMW B . -8.68 7.64 -12.91
CAJ YMW B . -9.25 7.50 -11.64
CAK YMW B . -10.62 7.60 -11.48
NAL YMW B . -11.44 7.79 -12.55
CAM YMW B . -10.87 7.92 -13.80
C1 GOL C . 12.00 -5.93 9.98
O1 GOL C . 11.65 -6.85 8.95
C2 GOL C . 11.87 -6.56 11.35
O2 GOL C . 10.62 -7.24 11.47
C3 GOL C . 12.00 -5.55 12.47
O3 GOL C . 10.91 -4.64 12.41
N SAM D . 3.93 19.51 7.60
CA SAM D . 4.81 20.21 6.61
C SAM D . 4.91 21.70 6.98
O SAM D . 5.02 21.95 8.20
OXT SAM D . 4.93 22.52 6.06
CB SAM D . 4.27 20.02 5.18
CG SAM D . 4.45 18.57 4.71
SD SAM D . 6.19 17.97 4.46
CE SAM D . 6.64 18.93 3.01
C5' SAM D . 5.59 16.43 3.82
C4' SAM D . 6.67 15.43 3.48
O4' SAM D . 7.59 16.03 2.54
C3' SAM D . 7.53 14.95 4.64
O3' SAM D . 6.92 13.87 5.33
C2' SAM D . 8.80 14.53 3.89
O2' SAM D . 8.67 13.26 3.27
C1' SAM D . 8.91 15.64 2.85
N9 SAM D . 9.72 16.78 3.26
C8 SAM D . 10.03 17.20 4.53
N7 SAM D . 10.86 18.23 4.53
C5 SAM D . 11.13 18.45 3.20
C6 SAM D . 11.98 19.37 2.55
N6 SAM D . 12.73 20.27 3.19
N1 SAM D . 12.03 19.32 1.20
C2 SAM D . 11.28 18.41 0.55
N3 SAM D . 10.45 17.51 1.06
C4 SAM D . 10.42 17.59 2.39
C1 EDO E . -24.48 -8.25 -2.84
O1 EDO E . -24.15 -8.50 -4.19
C2 EDO E . -25.94 -8.07 -2.64
O2 EDO E . -26.46 -6.88 -3.17
C1 EDO F . -23.41 -18.33 14.43
C1 EDO F . -22.97 -18.79 14.44
O1 EDO F . -22.24 -17.90 13.78
O1 EDO F . -22.29 -17.73 13.80
C2 EDO F . -23.19 -18.86 15.80
C2 EDO F . -23.20 -18.58 15.88
O2 EDO F . -21.98 -19.58 15.94
O2 EDO F . -23.53 -17.24 16.20
CL CL G . 3.35 13.66 3.16
#